data_5LBF
#
_entry.id   5LBF
#
_cell.length_a   109.766
_cell.length_b   109.766
_cell.length_c   39.545
_cell.angle_alpha   90.00
_cell.angle_beta   90.00
_cell.angle_gamma   120.00
#
_symmetry.space_group_name_H-M   'P 63'
#
loop_
_entity.id
_entity.type
_entity.pdbx_description
1 polymer 'Egl nine homolog 1'
2 non-polymer 'MANGANESE (II) ION'
3 non-polymer N-[(1-CHLORO-4-HYDROXYISOQUINOLIN-3-YL)CARBONYL]GLYCINE
4 non-polymer 'SULFATE ION'
5 non-polymer 'BICARBONATE ION'
6 water water
#
_entity_poly.entity_id   1
_entity_poly.type   'polypeptide(L)'
_entity_poly.pdbx_seq_one_letter_code
;GSHMASPNGQTKPLPALKLALEYIVPCMNKHGICVVDDFLGKETGQQIGDEVRALHDTGKFTDGQLVSQKSDSSKDIRGD
KITWIEGKEPGCETIGLLMSSMDDLIRHCNGKLGSYKIKERTKAMVACYPGNGTGYVRHVDNPNGDGRCVTCIYYLNKDW
DAKVSGGILRIFPEGKAQFADIEPKFDRLLFFWSDRRNPHEVQPAYATRYAITVWYFDADERARAKVKYLTGEKGVRVEL
NKPSDSVGKDVF
;
_entity_poly.pdbx_strand_id   A
#
loop_
_chem_comp.id
_chem_comp.type
_chem_comp.name
_chem_comp.formula
BCT non-polymer 'BICARBONATE ION' 'C H O3 -1'
MN non-polymer 'MANGANESE (II) ION' 'Mn 2'
SO4 non-polymer 'SULFATE ION' 'O4 S -2'
UN9 non-polymer N-[(1-CHLORO-4-HYDROXYISOQUINOLIN-3-YL)CARBONYL]GLYCINE 'C12 H9 Cl N2 O4'
#
# COMPACT_ATOMS: atom_id res chain seq x y z
N LEU A 14 -4.14 -19.96 2.41
CA LEU A 14 -4.41 -20.30 1.02
C LEU A 14 -3.17 -20.10 0.13
N PRO A 15 -2.84 -21.10 -0.69
CA PRO A 15 -1.75 -20.91 -1.67
C PRO A 15 -1.95 -19.61 -2.43
N ALA A 16 -0.86 -18.87 -2.59
CA ALA A 16 -0.92 -17.73 -3.49
C ALA A 16 -1.59 -18.10 -4.80
N LEU A 17 -1.49 -19.36 -5.21
CA LEU A 17 -1.92 -19.72 -6.54
C LEU A 17 -3.44 -19.83 -6.65
N LYS A 18 -4.09 -20.53 -5.71
CA LYS A 18 -5.53 -20.69 -5.82
C LYS A 18 -6.22 -19.34 -5.71
N LEU A 19 -5.72 -18.52 -4.79
CA LEU A 19 -6.25 -17.18 -4.58
C LEU A 19 -6.05 -16.32 -5.82
N ALA A 20 -4.82 -16.31 -6.35
CA ALA A 20 -4.53 -15.56 -7.55
C ALA A 20 -5.44 -15.96 -8.70
N LEU A 21 -5.50 -17.25 -9.00
CA LEU A 21 -6.13 -17.66 -10.25
C LEU A 21 -7.64 -17.66 -10.14
N GLU A 22 -8.19 -18.01 -8.97
CA GLU A 22 -9.64 -18.11 -8.85
C GLU A 22 -10.29 -16.82 -8.34
N TYR A 23 -9.56 -15.94 -7.68
CA TYR A 23 -10.17 -14.71 -7.17
C TYR A 23 -9.50 -13.46 -7.73
N ILE A 24 -8.19 -13.31 -7.56
CA ILE A 24 -7.56 -12.01 -7.82
C ILE A 24 -7.64 -11.65 -9.30
N VAL A 25 -7.31 -12.59 -10.18
CA VAL A 25 -7.27 -12.29 -11.62
C VAL A 25 -8.66 -11.87 -12.13
N PRO A 26 -9.69 -12.68 -11.93
CA PRO A 26 -11.02 -12.27 -12.41
C PRO A 26 -11.54 -11.01 -11.74
N CYS A 27 -11.27 -10.82 -10.45
CA CYS A 27 -11.72 -9.61 -9.76
C CYS A 27 -11.03 -8.37 -10.32
N MET A 28 -9.71 -8.44 -10.53
CA MET A 28 -9.00 -7.25 -11.01
C MET A 28 -9.47 -6.88 -12.41
N ASN A 29 -9.70 -7.90 -13.26
CA ASN A 29 -10.11 -7.60 -14.63
C ASN A 29 -11.56 -7.14 -14.69
N LYS A 30 -12.39 -7.51 -13.71
CA LYS A 30 -13.78 -7.08 -13.66
C LYS A 30 -13.96 -5.76 -12.90
N HIS A 31 -13.34 -5.62 -11.73
CA HIS A 31 -13.63 -4.50 -10.85
C HIS A 31 -12.45 -3.58 -10.63
N GLY A 32 -11.22 -4.09 -10.73
CA GLY A 32 -10.06 -3.27 -10.52
C GLY A 32 -9.76 -2.96 -9.08
N ILE A 33 -10.51 -3.55 -8.16
CA ILE A 33 -10.39 -3.37 -6.72
C ILE A 33 -10.72 -4.70 -6.08
N CYS A 34 -9.80 -5.29 -5.34
CA CYS A 34 -9.95 -6.66 -4.87
C CYS A 34 -9.40 -6.80 -3.45
N VAL A 35 -10.19 -7.41 -2.57
CA VAL A 35 -9.88 -7.56 -1.16
C VAL A 35 -9.73 -9.04 -0.84
N VAL A 36 -8.64 -9.38 -0.15
CA VAL A 36 -8.41 -10.73 0.39
C VAL A 36 -8.31 -10.61 1.90
N ASP A 37 -9.21 -11.26 2.60
CA ASP A 37 -9.12 -11.27 4.05
C ASP A 37 -8.38 -12.51 4.53
N ASP A 38 -7.80 -12.40 5.72
CA ASP A 38 -7.05 -13.49 6.35
C ASP A 38 -5.93 -13.98 5.43
N PHE A 39 -5.13 -13.02 4.96
CA PHE A 39 -4.11 -13.31 3.97
C PHE A 39 -3.02 -14.22 4.54
N LEU A 40 -2.45 -13.86 5.70
CA LEU A 40 -1.31 -14.57 6.27
C LEU A 40 -1.63 -15.37 7.53
N GLY A 41 -2.78 -15.13 8.15
CA GLY A 41 -3.13 -15.76 9.41
C GLY A 41 -2.76 -14.91 10.61
N LYS A 42 -3.37 -15.24 11.74
CA LYS A 42 -3.23 -14.44 12.96
C LYS A 42 -1.79 -14.40 13.45
N GLU A 43 -1.10 -15.53 13.47
CA GLU A 43 0.25 -15.56 14.04
C GLU A 43 1.20 -14.68 13.24
N THR A 44 1.25 -14.89 11.92
CA THR A 44 2.12 -14.08 11.08
C THR A 44 1.68 -12.62 11.06
N GLY A 45 0.37 -12.39 10.98
CA GLY A 45 -0.13 -11.03 11.01
C GLY A 45 0.28 -10.30 12.26
N GLN A 46 0.19 -10.97 13.41
N GLN A 46 0.16 -10.96 13.42
CA GLN A 46 0.61 -10.39 14.68
CA GLN A 46 0.51 -10.28 14.67
C GLN A 46 2.11 -10.12 14.70
C GLN A 46 2.00 -10.03 14.77
N GLN A 47 2.91 -11.06 14.18
N GLN A 47 2.84 -10.93 14.23
CA GLN A 47 4.35 -10.81 14.08
CA GLN A 47 4.27 -10.68 14.18
C GLN A 47 4.65 -9.52 13.28
C GLN A 47 4.61 -9.47 13.31
N ILE A 48 3.97 -9.34 12.15
CA ILE A 48 4.17 -8.13 11.35
C ILE A 48 3.75 -6.90 12.16
N GLY A 49 2.58 -6.98 12.80
CA GLY A 49 2.14 -5.88 13.63
C GLY A 49 3.17 -5.51 14.68
N ASP A 50 3.79 -6.51 15.30
CA ASP A 50 4.81 -6.25 16.32
C ASP A 50 6.03 -5.59 15.70
N GLU A 51 6.45 -6.02 14.52
CA GLU A 51 7.61 -5.38 13.89
C GLU A 51 7.31 -3.93 13.54
N VAL A 52 6.11 -3.67 13.02
CA VAL A 52 5.74 -2.31 12.65
C VAL A 52 5.65 -1.42 13.89
N ARG A 53 5.06 -1.95 14.97
CA ARG A 53 4.99 -1.15 16.17
C ARG A 53 6.38 -0.90 16.74
N ALA A 54 7.29 -1.86 16.62
CA ALA A 54 8.63 -1.62 17.13
C ALA A 54 9.33 -0.54 16.31
N LEU A 55 9.16 -0.57 14.99
CA LEU A 55 9.67 0.51 14.15
C LEU A 55 9.14 1.86 14.63
N HIS A 56 7.83 1.93 14.88
CA HIS A 56 7.22 3.18 15.33
C HIS A 56 7.78 3.61 16.69
N ASP A 57 7.77 2.69 17.66
CA ASP A 57 8.12 3.00 19.04
C ASP A 57 9.59 3.29 19.21
N THR A 58 10.45 2.84 18.29
CA THR A 58 11.87 3.17 18.32
C THR A 58 12.22 4.32 17.37
N GLY A 59 11.22 5.01 16.82
CA GLY A 59 11.46 6.25 16.12
C GLY A 59 11.92 6.12 14.70
N LYS A 60 11.59 5.02 14.02
CA LYS A 60 12.03 4.83 12.64
C LYS A 60 11.11 5.49 11.62
N PHE A 61 9.94 5.95 12.02
CA PHE A 61 9.04 6.63 11.11
C PHE A 61 9.40 8.11 11.02
N THR A 62 8.90 8.77 9.97
CA THR A 62 8.99 10.22 9.91
C THR A 62 8.03 10.83 10.92
N ASP A 63 8.13 12.15 11.10
CA ASP A 63 7.26 12.82 12.05
C ASP A 63 5.85 12.99 11.53
N GLY A 64 5.63 12.88 10.23
CA GLY A 64 4.30 12.93 9.67
C GLY A 64 4.06 14.06 8.68
N GLN A 65 3.17 13.82 7.71
CA GLN A 65 2.89 14.83 6.70
C GLN A 65 2.40 16.13 7.33
N LEU A 66 3.06 17.23 7.00
CA LEU A 66 2.63 18.52 7.50
C LEU A 66 1.27 18.86 6.92
N VAL A 67 0.25 18.94 7.79
CA VAL A 67 -1.13 19.22 7.40
C VAL A 67 -1.47 20.71 7.56
N SER A 68 -1.18 21.30 8.73
CA SER A 68 -1.47 22.70 8.99
C SER A 68 -0.17 23.39 9.39
N GLN A 69 0.32 24.28 8.51
CA GLN A 69 1.51 25.09 8.77
C GLN A 69 1.08 26.32 9.54
N LYS A 70 0.98 26.18 10.87
CA LYS A 70 0.53 27.27 11.71
C LYS A 70 1.64 28.31 11.90
N SER A 71 1.22 29.53 12.26
CA SER A 71 2.18 30.62 12.47
C SER A 71 3.19 30.25 13.56
N ASP A 72 2.72 29.66 14.66
CA ASP A 72 3.58 29.09 15.68
C ASP A 72 3.76 27.60 15.39
N SER A 73 5.02 27.15 15.37
CA SER A 73 5.31 25.80 14.93
C SER A 73 4.93 24.74 15.96
N SER A 74 4.99 25.07 17.26
CA SER A 74 4.46 24.16 18.27
C SER A 74 3.01 23.75 17.96
N LYS A 75 2.30 24.53 17.15
CA LYS A 75 0.92 24.26 16.79
C LYS A 75 0.77 23.52 15.46
N ASP A 76 1.87 23.15 14.80
CA ASP A 76 1.76 22.46 13.52
C ASP A 76 1.13 21.08 13.70
N ILE A 77 0.16 20.76 12.86
CA ILE A 77 -0.50 19.46 12.86
C ILE A 77 0.16 18.59 11.81
N ARG A 78 0.56 17.39 12.19
CA ARG A 78 1.18 16.45 11.27
C ARG A 78 0.33 15.19 11.17
N GLY A 79 0.39 14.55 10.01
CA GLY A 79 -0.49 13.44 9.69
C GLY A 79 0.26 12.14 9.51
N ASP A 80 0.04 11.48 8.38
CA ASP A 80 0.60 10.16 8.17
C ASP A 80 2.12 10.19 8.27
N LYS A 81 2.67 9.22 8.99
N LYS A 81 2.66 9.20 8.99
CA LYS A 81 4.11 9.00 9.11
CA LYS A 81 4.10 8.98 9.14
C LYS A 81 4.49 7.81 8.23
C LYS A 81 4.51 7.79 8.27
N ILE A 82 5.70 7.83 7.67
CA ILE A 82 6.12 6.71 6.83
C ILE A 82 7.55 6.28 7.09
N THR A 83 7.83 5.07 6.63
CA THR A 83 9.20 4.59 6.51
C THR A 83 9.27 3.59 5.37
N TRP A 84 10.37 3.64 4.64
CA TRP A 84 10.62 2.73 3.52
C TRP A 84 11.39 1.52 4.02
N ILE A 85 10.88 0.33 3.72
CA ILE A 85 11.40 -0.93 4.25
C ILE A 85 11.74 -1.84 3.08
N GLU A 86 12.99 -2.30 3.03
CA GLU A 86 13.42 -3.24 2.02
C GLU A 86 12.97 -4.66 2.33
N GLY A 87 12.90 -5.01 3.61
CA GLY A 87 12.52 -6.34 4.04
C GLY A 87 13.66 -7.15 4.60
N LYS A 88 14.90 -6.71 4.43
CA LYS A 88 16.06 -7.40 4.98
C LYS A 88 16.61 -6.71 6.21
N GLU A 89 15.97 -5.64 6.68
CA GLU A 89 16.51 -4.92 7.81
C GLU A 89 16.31 -5.72 9.09
N PRO A 90 17.16 -5.53 10.10
CA PRO A 90 16.94 -6.20 11.37
C PRO A 90 15.56 -5.88 11.91
N GLY A 91 14.87 -6.89 12.40
CA GLY A 91 13.55 -6.66 12.95
C GLY A 91 12.48 -6.36 11.93
N CYS A 92 12.75 -6.59 10.63
CA CYS A 92 11.74 -6.46 9.60
C CYS A 92 11.58 -7.76 8.82
N GLU A 93 12.00 -8.89 9.40
N GLU A 93 11.96 -8.88 9.43
CA GLU A 93 12.02 -10.12 8.61
CA GLU A 93 12.04 -10.13 8.69
C GLU A 93 10.62 -10.57 8.25
C GLU A 93 10.65 -10.61 8.29
N THR A 94 9.66 -10.39 9.16
CA THR A 94 8.30 -10.82 8.84
C THR A 94 7.68 -9.85 7.84
N ILE A 95 8.02 -8.56 7.90
CA ILE A 95 7.62 -7.66 6.83
C ILE A 95 8.17 -8.15 5.50
N GLY A 96 9.43 -8.61 5.50
CA GLY A 96 10.00 -9.17 4.27
C GLY A 96 9.29 -10.43 3.82
N LEU A 97 8.86 -11.25 4.77
CA LEU A 97 8.03 -12.40 4.44
C LEU A 97 6.74 -11.95 3.76
N LEU A 98 6.08 -10.94 4.32
CA LEU A 98 4.89 -10.38 3.67
C LEU A 98 5.20 -9.95 2.24
N MET A 99 6.30 -9.25 2.04
CA MET A 99 6.63 -8.78 0.71
C MET A 99 6.86 -9.94 -0.24
N SER A 100 7.56 -10.99 0.22
CA SER A 100 7.77 -12.18 -0.60
C SER A 100 6.45 -12.84 -0.97
N SER A 101 5.48 -12.80 -0.05
CA SER A 101 4.17 -13.39 -0.31
C SER A 101 3.39 -12.57 -1.32
N MET A 102 3.48 -11.24 -1.23
CA MET A 102 2.90 -10.39 -2.26
C MET A 102 3.52 -10.71 -3.62
N ASP A 103 4.86 -10.81 -3.67
CA ASP A 103 5.54 -11.11 -4.92
C ASP A 103 5.09 -12.47 -5.49
N ASP A 104 4.94 -13.47 -4.62
CA ASP A 104 4.49 -14.78 -5.08
C ASP A 104 3.12 -14.69 -5.74
N LEU A 105 2.21 -13.92 -5.13
CA LEU A 105 0.88 -13.77 -5.69
C LEU A 105 0.94 -13.10 -7.07
N ILE A 106 1.63 -11.96 -7.15
CA ILE A 106 1.76 -11.27 -8.44
C ILE A 106 2.38 -12.19 -9.47
N ARG A 107 3.41 -12.93 -9.07
N ARG A 107 3.46 -12.88 -9.08
CA ARG A 107 4.09 -13.83 -9.99
CA ARG A 107 4.09 -13.84 -9.97
C ARG A 107 3.14 -14.89 -10.54
C ARG A 107 3.07 -14.79 -10.55
N HIS A 108 2.23 -15.37 -9.70
CA HIS A 108 1.25 -16.34 -10.18
C HIS A 108 0.17 -15.70 -11.03
N CYS A 109 0.06 -14.37 -11.03
CA CYS A 109 -0.86 -13.69 -11.95
C CYS A 109 -0.23 -13.32 -13.30
N ASN A 110 1.05 -13.63 -13.51
CA ASN A 110 1.78 -13.10 -14.66
C ASN A 110 0.99 -13.28 -15.95
N GLY A 111 0.89 -12.20 -16.73
CA GLY A 111 0.21 -12.25 -18.00
C GLY A 111 -1.30 -12.35 -17.92
N LYS A 112 -1.87 -12.17 -16.73
CA LYS A 112 -3.30 -12.21 -16.56
C LYS A 112 -3.87 -10.93 -15.97
N LEU A 113 -3.04 -10.05 -15.42
CA LEU A 113 -3.51 -8.77 -14.89
C LEU A 113 -3.52 -7.76 -16.03
N GLY A 114 -4.68 -7.49 -16.57
CA GLY A 114 -4.71 -6.62 -17.72
C GLY A 114 -3.86 -7.22 -18.82
N SER A 115 -3.16 -6.35 -19.54
CA SER A 115 -2.11 -6.80 -20.44
C SER A 115 -0.73 -6.46 -19.88
N TYR A 116 -0.66 -6.20 -18.58
CA TYR A 116 0.58 -5.78 -17.95
C TYR A 116 1.53 -6.95 -17.78
N LYS A 117 2.82 -6.63 -17.81
CA LYS A 117 3.90 -7.54 -17.47
C LYS A 117 4.66 -6.95 -16.31
N ILE A 118 4.58 -7.57 -15.16
CA ILE A 118 5.15 -7.05 -13.93
C ILE A 118 6.42 -7.81 -13.62
N LYS A 119 7.55 -7.09 -13.70
N LYS A 119 7.56 -7.11 -13.67
CA LYS A 119 8.86 -7.65 -13.37
CA LYS A 119 8.83 -7.69 -13.31
C LYS A 119 9.52 -6.99 -12.18
C LYS A 119 9.50 -7.01 -12.14
N GLU A 120 9.02 -5.84 -11.72
CA GLU A 120 9.66 -5.07 -10.68
C GLU A 120 8.61 -4.48 -9.76
N ARG A 121 9.06 -4.15 -8.54
CA ARG A 121 8.23 -3.42 -7.58
C ARG A 121 9.09 -2.39 -6.85
N THR A 122 8.40 -1.58 -6.05
CA THR A 122 9.03 -0.69 -5.08
C THR A 122 9.41 -1.47 -3.83
N LYS A 123 10.18 -0.81 -2.97
CA LYS A 123 10.25 -1.21 -1.58
C LYS A 123 8.89 -0.98 -0.93
N ALA A 124 8.75 -1.46 0.30
CA ALA A 124 7.50 -1.29 1.03
C ALA A 124 7.46 0.09 1.68
N MET A 125 6.33 0.77 1.56
CA MET A 125 6.07 1.99 2.31
C MET A 125 5.16 1.64 3.47
N VAL A 126 5.71 1.64 4.66
CA VAL A 126 4.93 1.44 5.87
C VAL A 126 4.42 2.79 6.31
N ALA A 127 3.12 2.89 6.53
CA ALA A 127 2.46 4.13 6.91
C ALA A 127 1.74 3.95 8.24
N CYS A 128 1.82 5.00 9.05
CA CYS A 128 1.17 5.09 10.34
C CYS A 128 0.36 6.38 10.35
N TYR A 129 -0.95 6.27 10.32
CA TYR A 129 -1.79 7.42 10.62
C TYR A 129 -1.91 7.49 12.13
N PRO A 130 -1.47 8.60 12.77
CA PRO A 130 -1.26 8.57 14.22
C PRO A 130 -2.54 8.58 15.05
N GLY A 131 -3.70 8.76 14.44
CA GLY A 131 -4.93 8.75 15.20
C GLY A 131 -5.39 10.09 15.72
N ASN A 132 -4.93 11.18 15.12
CA ASN A 132 -5.23 12.53 15.58
C ASN A 132 -6.23 13.24 14.67
N GLY A 133 -7.04 12.49 13.93
CA GLY A 133 -8.02 13.10 13.07
C GLY A 133 -7.54 13.39 11.66
N THR A 134 -6.31 13.05 11.34
CA THR A 134 -5.79 13.25 10.00
C THR A 134 -6.13 12.04 9.15
N GLY A 135 -6.27 12.29 7.85
CA GLY A 135 -6.43 11.24 6.85
C GLY A 135 -5.49 11.52 5.69
N TYR A 136 -5.97 11.25 4.49
CA TYR A 136 -5.19 11.49 3.29
C TYR A 136 -6.12 11.95 2.19
N VAL A 137 -5.76 13.07 1.56
CA VAL A 137 -6.65 13.71 0.61
C VAL A 137 -6.89 12.79 -0.59
N ARG A 138 -7.98 13.07 -1.30
CA ARG A 138 -8.28 12.33 -2.53
C ARG A 138 -7.13 12.50 -3.51
N HIS A 139 -6.71 11.39 -4.12
CA HIS A 139 -5.60 11.46 -5.06
C HIS A 139 -5.63 10.21 -5.93
N VAL A 140 -4.80 10.25 -6.96
CA VAL A 140 -4.48 9.08 -7.79
C VAL A 140 -3.03 8.72 -7.54
N ASP A 141 -2.75 7.43 -7.34
CA ASP A 141 -1.40 7.02 -7.00
C ASP A 141 -0.43 7.36 -8.12
N ASN A 142 -0.77 6.96 -9.34
CA ASN A 142 0.09 7.19 -10.50
C ASN A 142 -0.71 7.91 -11.57
N PRO A 143 -0.80 9.25 -11.50
CA PRO A 143 -1.57 9.97 -12.51
C PRO A 143 -0.83 10.29 -13.80
N ASN A 144 0.50 10.19 -13.83
CA ASN A 144 1.29 10.70 -14.94
C ASN A 144 2.19 9.63 -15.57
N GLY A 145 1.80 8.36 -15.46
CA GLY A 145 2.47 7.30 -16.18
C GLY A 145 3.88 7.01 -15.70
N ASP A 146 4.05 6.81 -14.39
CA ASP A 146 5.38 6.58 -13.84
C ASP A 146 5.74 5.10 -13.78
N GLY A 147 4.88 4.24 -14.29
CA GLY A 147 5.17 2.81 -14.35
C GLY A 147 4.36 1.97 -13.40
N ARG A 148 3.82 2.56 -12.34
CA ARG A 148 3.11 1.78 -11.35
C ARG A 148 1.73 1.38 -11.88
N CYS A 149 1.46 0.08 -11.93
CA CYS A 149 0.17 -0.34 -12.44
C CYS A 149 -0.72 -0.94 -11.36
N VAL A 150 -0.16 -1.56 -10.32
CA VAL A 150 -0.95 -2.15 -9.25
C VAL A 150 -0.45 -1.66 -7.90
N THR A 151 -1.39 -1.23 -7.08
CA THR A 151 -1.15 -0.86 -5.69
C THR A 151 -1.57 -2.02 -4.81
N CYS A 152 -0.69 -2.45 -3.91
N CYS A 152 -0.66 -2.42 -3.92
CA CYS A 152 -0.95 -3.53 -2.96
CA CYS A 152 -0.85 -3.47 -2.93
C CYS A 152 -0.75 -3.02 -1.55
C CYS A 152 -0.80 -2.82 -1.56
N ILE A 153 -1.80 -3.09 -0.73
CA ILE A 153 -1.76 -2.62 0.65
C ILE A 153 -2.13 -3.76 1.58
N TYR A 154 -1.35 -3.94 2.64
CA TYR A 154 -1.64 -4.89 3.70
C TYR A 154 -1.91 -4.13 4.99
N TYR A 155 -3.02 -4.46 5.64
CA TYR A 155 -3.46 -3.80 6.87
C TYR A 155 -3.22 -4.68 8.09
N LEU A 156 -2.96 -4.03 9.24
N LEU A 156 -2.94 -4.05 9.24
CA LEU A 156 -2.49 -4.75 10.43
CA LEU A 156 -2.59 -4.86 10.41
C LEU A 156 -3.32 -4.43 11.68
C LEU A 156 -3.24 -4.29 11.66
N ASN A 157 -4.45 -3.76 11.54
CA ASN A 157 -5.16 -3.16 12.67
C ASN A 157 -6.22 -4.10 13.28
N LYS A 158 -5.88 -4.65 14.46
CA LYS A 158 -6.74 -5.61 15.15
C LYS A 158 -8.05 -4.98 15.57
N ASP A 159 -9.15 -5.70 15.33
CA ASP A 159 -10.46 -5.28 15.81
C ASP A 159 -10.75 -3.83 15.48
N TRP A 160 -10.37 -3.42 14.28
CA TRP A 160 -10.62 -2.06 13.86
C TRP A 160 -12.11 -1.82 13.71
N ASP A 161 -12.60 -0.75 14.33
CA ASP A 161 -14.02 -0.39 14.25
C ASP A 161 -14.13 1.00 13.65
N ALA A 162 -14.49 1.05 12.37
CA ALA A 162 -14.49 2.32 11.64
C ALA A 162 -15.59 3.25 12.14
N LYS A 163 -16.69 2.71 12.67
CA LYS A 163 -17.73 3.58 13.22
C LYS A 163 -17.20 4.38 14.38
N VAL A 164 -16.10 3.95 14.95
CA VAL A 164 -15.49 4.60 16.09
C VAL A 164 -14.17 5.27 15.72
N SER A 165 -13.33 4.57 14.97
CA SER A 165 -11.98 5.04 14.70
C SER A 165 -11.82 5.65 13.31
N GLY A 166 -12.86 5.66 12.48
CA GLY A 166 -12.74 6.16 11.13
C GLY A 166 -11.73 5.36 10.32
N GLY A 167 -10.95 6.08 9.52
CA GLY A 167 -9.83 5.50 8.78
C GLY A 167 -10.19 4.64 7.58
N ILE A 168 -11.43 4.75 7.08
CA ILE A 168 -11.82 4.00 5.89
C ILE A 168 -11.07 4.52 4.69
N LEU A 169 -10.61 3.60 3.84
CA LEU A 169 -10.14 3.94 2.52
C LEU A 169 -11.37 4.00 1.61
N ARG A 170 -11.63 5.16 1.04
CA ARG A 170 -12.73 5.31 0.12
C ARG A 170 -12.15 5.47 -1.27
N ILE A 171 -12.59 4.60 -2.18
CA ILE A 171 -12.17 4.64 -3.57
C ILE A 171 -13.36 5.09 -4.41
N PHE A 172 -13.06 5.84 -5.47
CA PHE A 172 -14.05 6.45 -6.34
C PHE A 172 -13.87 5.87 -7.75
N PRO A 173 -14.27 4.61 -7.97
CA PRO A 173 -14.06 3.99 -9.29
C PRO A 173 -14.56 4.87 -10.42
N GLU A 174 -13.71 5.05 -11.42
CA GLU A 174 -14.02 5.93 -12.54
C GLU A 174 -15.26 5.45 -13.28
N GLY A 175 -16.03 6.41 -13.79
CA GLY A 175 -17.20 6.11 -14.60
C GLY A 175 -18.39 5.55 -13.84
N LYS A 176 -18.22 5.24 -12.56
CA LYS A 176 -19.28 4.65 -11.75
C LYS A 176 -19.72 5.64 -10.69
N ALA A 177 -21.04 5.76 -10.53
CA ALA A 177 -21.63 6.69 -9.55
C ALA A 177 -21.83 5.94 -8.23
N GLN A 178 -20.71 5.67 -7.57
CA GLN A 178 -20.70 5.07 -6.24
C GLN A 178 -19.24 4.99 -5.80
N PHE A 179 -19.03 4.81 -4.51
CA PHE A 179 -17.68 4.56 -4.07
C PHE A 179 -17.61 3.25 -3.31
N ALA A 180 -16.39 2.82 -3.11
CA ALA A 180 -16.06 1.54 -2.50
C ALA A 180 -15.30 1.82 -1.22
N ASP A 181 -15.88 1.44 -0.09
CA ASP A 181 -15.32 1.71 1.23
C ASP A 181 -14.66 0.45 1.76
N ILE A 182 -13.38 0.56 2.11
CA ILE A 182 -12.58 -0.57 2.57
C ILE A 182 -12.05 -0.23 3.94
N GLU A 183 -12.43 -1.02 4.94
CA GLU A 183 -11.93 -0.84 6.30
C GLU A 183 -10.52 -1.42 6.38
N PRO A 184 -9.60 -0.76 7.15
CA PRO A 184 -8.20 -1.18 7.25
C PRO A 184 -8.01 -2.36 8.20
N LYS A 185 -8.66 -3.49 7.89
CA LYS A 185 -8.78 -4.61 8.81
C LYS A 185 -7.50 -5.41 8.95
N PHE A 186 -7.31 -5.97 10.14
CA PHE A 186 -6.17 -6.85 10.43
C PHE A 186 -6.10 -7.97 9.41
N ASP A 187 -4.92 -8.15 8.83
CA ASP A 187 -4.59 -9.28 7.97
C ASP A 187 -5.37 -9.24 6.67
N ARG A 188 -5.77 -8.03 6.26
CA ARG A 188 -6.43 -7.80 4.99
C ARG A 188 -5.43 -7.31 3.95
N LEU A 189 -5.52 -7.87 2.75
CA LEU A 189 -4.71 -7.51 1.60
C LEU A 189 -5.60 -6.90 0.53
N LEU A 190 -5.15 -5.81 -0.06
CA LEU A 190 -5.92 -5.05 -1.02
C LEU A 190 -5.08 -4.89 -2.28
N PHE A 191 -5.72 -5.10 -3.44
CA PHE A 191 -5.15 -4.76 -4.74
C PHE A 191 -6.04 -3.76 -5.46
N PHE A 192 -5.44 -2.76 -6.12
CA PHE A 192 -6.24 -1.97 -7.05
C PHE A 192 -5.35 -1.32 -8.09
N TRP A 193 -5.93 -1.03 -9.26
CA TRP A 193 -5.17 -0.36 -10.30
C TRP A 193 -4.72 0.99 -9.79
N SER A 194 -3.43 1.32 -10.06
CA SER A 194 -2.79 2.53 -9.51
C SER A 194 -3.12 3.80 -10.29
N ASP A 195 -3.63 3.69 -11.52
CA ASP A 195 -3.79 4.86 -12.36
C ASP A 195 -5.12 5.55 -12.07
N ARG A 196 -5.57 6.41 -12.99
CA ARG A 196 -6.74 7.26 -12.78
C ARG A 196 -8.05 6.49 -12.64
N ARG A 197 -8.05 5.19 -12.88
CA ARG A 197 -9.27 4.42 -12.64
C ARG A 197 -9.69 4.47 -11.18
N ASN A 198 -8.75 4.64 -10.25
CA ASN A 198 -9.02 4.54 -8.82
C ASN A 198 -8.51 5.75 -8.03
N PRO A 199 -9.10 6.92 -8.22
CA PRO A 199 -8.93 7.98 -7.20
C PRO A 199 -9.38 7.45 -5.85
N HIS A 200 -8.68 7.87 -4.79
CA HIS A 200 -9.00 7.35 -3.47
C HIS A 200 -8.52 8.31 -2.38
N GLU A 201 -9.01 8.09 -1.17
CA GLU A 201 -8.72 8.95 -0.03
C GLU A 201 -8.80 8.09 1.23
N VAL A 202 -8.08 8.52 2.26
CA VAL A 202 -8.19 7.92 3.57
C VAL A 202 -8.98 8.89 4.44
N GLN A 203 -10.14 8.45 4.90
CA GLN A 203 -10.95 9.29 5.75
C GLN A 203 -10.27 9.45 7.10
N PRO A 204 -10.56 10.54 7.81
CA PRO A 204 -9.87 10.80 9.07
C PRO A 204 -9.84 9.60 10.00
N ALA A 205 -8.66 9.38 10.58
CA ALA A 205 -8.42 8.25 11.46
C ALA A 205 -8.25 8.76 12.89
N TYR A 206 -9.01 8.18 13.82
CA TYR A 206 -9.03 8.63 15.21
C TYR A 206 -8.38 7.61 16.14
N ALA A 207 -7.70 6.63 15.56
CA ALA A 207 -6.91 5.68 16.29
C ALA A 207 -5.72 5.38 15.40
N THR A 208 -4.65 4.90 16.02
CA THR A 208 -3.45 4.59 15.27
C THR A 208 -3.73 3.52 14.23
N ARG A 209 -3.33 3.80 12.99
CA ARG A 209 -3.69 2.98 11.83
C ARG A 209 -2.45 2.69 11.01
N TYR A 210 -2.12 1.41 10.87
CA TYR A 210 -0.93 0.96 10.15
C TYR A 210 -1.33 0.29 8.83
N ALA A 211 -0.50 0.50 7.82
CA ALA A 211 -0.66 -0.16 6.53
C ALA A 211 0.70 -0.32 5.90
N ILE A 212 0.87 -1.35 5.07
CA ILE A 212 2.09 -1.57 4.31
C ILE A 212 1.75 -1.63 2.83
N THR A 213 2.36 -0.74 2.03
CA THR A 213 2.08 -0.61 0.60
C THR A 213 3.30 -0.98 -0.22
N VAL A 214 3.07 -1.77 -1.26
CA VAL A 214 4.04 -2.03 -2.31
C VAL A 214 3.34 -1.74 -3.63
N TRP A 215 4.06 -1.11 -4.54
CA TRP A 215 3.55 -0.84 -5.89
C TRP A 215 4.32 -1.69 -6.89
N TYR A 216 3.58 -2.27 -7.82
CA TYR A 216 4.14 -3.10 -8.86
C TYR A 216 4.18 -2.34 -10.16
N PHE A 217 5.30 -2.44 -10.87
CA PHE A 217 5.53 -1.71 -12.11
C PHE A 217 5.12 -2.56 -13.30
N ASP A 218 4.48 -1.93 -14.28
CA ASP A 218 4.38 -2.56 -15.59
C ASP A 218 5.68 -2.30 -16.34
N ALA A 219 6.24 -3.35 -16.95
CA ALA A 219 7.60 -3.23 -17.49
C ALA A 219 7.67 -2.20 -18.60
N ASP A 220 6.66 -2.16 -19.48
CA ASP A 220 6.71 -1.23 -20.60
C ASP A 220 6.57 0.21 -20.11
N GLU A 221 5.53 0.47 -19.31
CA GLU A 221 5.29 1.81 -18.81
C GLU A 221 6.51 2.33 -18.06
N ARG A 222 7.12 1.48 -17.25
CA ARG A 222 8.30 1.88 -16.46
C ARG A 222 9.48 2.14 -17.38
N ALA A 223 9.69 1.27 -18.37
CA ALA A 223 10.79 1.46 -19.30
C ALA A 223 10.71 2.80 -20.00
N ARG A 224 9.51 3.19 -20.47
CA ARG A 224 9.42 4.46 -21.19
C ARG A 224 9.28 5.64 -20.25
N ALA A 225 8.87 5.42 -19.01
CA ALA A 225 8.91 6.48 -18.02
C ALA A 225 10.34 6.96 -17.83
N LYS A 226 11.30 6.03 -17.87
CA LYS A 226 12.71 6.44 -17.74
C LYS A 226 13.11 7.54 -18.73
N VAL A 227 12.44 7.65 -19.88
CA VAL A 227 12.75 8.73 -20.82
C VAL A 227 12.37 10.09 -20.22
N LYS A 228 11.17 10.20 -19.64
CA LYS A 228 10.76 11.46 -19.04
C LYS A 228 11.72 11.90 -17.94
N TYR A 229 12.07 10.98 -17.03
CA TYR A 229 12.89 11.29 -15.86
C TYR A 229 14.39 11.10 -16.11
N LEU A 230 14.88 11.35 -17.33
CA LEU A 230 16.30 11.21 -17.61
C LEU A 230 17.10 12.19 -16.78
N GLU A 233 18.32 9.22 -12.46
CA GLU A 233 18.78 9.45 -13.82
C GLU A 233 20.30 9.65 -13.85
N LYS A 234 21.00 8.74 -14.52
CA LYS A 234 22.45 8.75 -14.61
C LYS A 234 22.87 8.57 -16.06
N GLY A 235 23.98 9.21 -16.44
CA GLY A 235 24.39 9.27 -17.83
C GLY A 235 25.70 8.56 -18.11
N VAL A 236 26.21 8.70 -19.33
CA VAL A 236 27.42 8.02 -19.79
C VAL A 236 28.37 9.05 -20.35
N ARG A 237 29.66 8.87 -20.08
CA ARG A 237 30.67 9.86 -20.43
C ARG A 237 30.94 9.89 -21.93
N VAL A 238 31.00 11.10 -22.48
CA VAL A 238 31.55 11.37 -23.79
C VAL A 238 32.73 12.31 -23.56
N GLU A 239 33.55 12.52 -24.58
CA GLU A 239 34.73 13.38 -24.36
C GLU A 239 35.42 13.91 -25.61
MN MN B . -2.80 6.17 -2.46
O18 UN9 C . -5.68 2.75 3.03
C16 UN9 C . -4.63 3.43 2.93
O17 UN9 C . -3.72 3.57 3.77
C15 UN9 C . -4.46 4.15 1.61
N14 UN9 C . -3.31 5.04 1.65
C12 UN9 C . -2.99 5.73 0.57
O13 UN9 C . -3.74 5.78 -0.50
C9 UN9 C . -1.79 6.41 0.52
N8 UN9 C . -1.41 6.79 -0.71
C7 UN9 C . -0.26 7.47 -0.87
CL1 UN9 C . 0.21 7.93 -2.53
C2 UN9 C . 0.54 7.78 0.23
C10 UN9 C . -1.02 6.70 1.63
O19 UN9 C . -1.48 6.28 2.87
C3 UN9 C . 0.16 7.40 1.48
C4 UN9 C . 0.94 7.73 2.57
C5 UN9 C . 2.13 8.42 2.38
C6 UN9 C . 2.53 8.80 1.11
C1 UN9 C . 1.73 8.50 0.02
H151 UN9 C . -5.25 4.68 1.42
H152 UN9 C . -4.33 3.51 0.89
HN14 UN9 C . -3.06 5.25 2.44
HO19 UN9 C . -0.91 6.48 3.46
H4 UN9 C . 0.69 7.47 3.42
H5 UN9 C . 2.66 8.63 3.11
H6 UN9 C . 3.32 9.27 0.99
H1 UN9 C . 1.98 8.74 -0.84
S SO4 D . -15.39 -3.96 4.69
O1 SO4 D . -15.75 -4.39 3.35
O2 SO4 D . -16.46 -3.13 5.24
O3 SO4 D . -15.21 -5.14 5.54
O4 SO4 D . -14.15 -3.20 4.65
S SO4 E . -3.28 -18.65 12.06
O1 SO4 E . -2.47 -18.89 10.88
O2 SO4 E . -4.43 -17.81 11.72
O3 SO4 E . -3.79 -19.93 12.58
O4 SO4 E . -2.48 -18.00 13.09
C BCT F . -9.31 12.63 -8.99
O1 BCT F . -10.28 12.17 -9.60
O2 BCT F . -9.16 13.11 -7.87
O3 BCT F . -8.21 12.89 -9.86
HO3 BCT F . -7.48 12.87 -9.44
#